data_7V6X
#
_entry.id   7V6X
#
_cell.length_a   77.420
_cell.length_b   83.945
_cell.length_c   63.139
_cell.angle_alpha   90.00
_cell.angle_beta   100.87
_cell.angle_gamma   90.00
#
_symmetry.space_group_name_H-M   'C 1 2 1'
#
loop_
_entity.id
_entity.type
_entity.pdbx_description
1 polymer '4-hydroxyphenylpyruvate dioxygenase'
2 non-polymer 'COBALT (II) ION'
3 non-polymer 5-methyl-3-[(2-methylphenyl)methyl]-6-[(1~{R},2~{S})-2-oxidanyl-6-oxidanylidene-cyclohexyl]carbonyl-1,2,3-benzotriazin-4-one
4 water water
#
_entity_poly.entity_id   1
_entity_poly.type   'polypeptide(L)'
_entity_poly.pdbx_seq_one_letter_code
;GSHMVRKNPKSDKFKVKRFHHIEFWCGDATNVARRFSWGLGMRFSAKSDLSTGNMVHASYLLTSGDLRFLFTAPYSPSLS
AGEIKPTTTASIPSFDHGSCRSFFSSHGLGVRAVAIEVEDAESAFSISVANGAIPSSPPIVLNEAVTIAEVKLYGDVVLR
YVSYKAEDTEKSEFLPGFERVEDASSFPLDYGIRRLDHAVGNVPELGPALTYVAGFTGFHQFAEFTADDVGTAESGLNSA
VLASNDEMVLLPINEPVHGTKRKSQIQTYLEHNEGAGLQHLALMSEDIFRTLREMRKRSSIGGFDFMPSPPPTYYQNLKK
RVGDVLSDDQIKECEELGILVDRDDQGTLLQIFTKPLGDRPTIFIEIIQRVGCMMKDEEGKAYQSGGCGGFGKGNFSELF
KSIEEYEKTLEAKQLVG
;
_entity_poly.pdbx_strand_id   A
#
loop_
_chem_comp.id
_chem_comp.type
_chem_comp.name
_chem_comp.formula
5RJ non-polymer 5-methyl-3-[(2-methylphenyl)methyl]-6-[(1~{R},2~{S})-2-oxidanyl-6-oxidanylidene-cyclohexyl]carbonyl-1,2,3-benzotriazin-4-one 'C23 H23 N3 O4'
CO non-polymer 'COBALT (II) ION' 'Co 2'
#
# COMPACT_ATOMS: atom_id res chain seq x y z
N LYS A 7 -2.99 24.67 -0.44
CA LYS A 7 -1.68 25.14 0.03
C LYS A 7 -0.68 24.00 0.10
N ASN A 8 0.41 24.11 -0.66
CA ASN A 8 1.46 23.11 -0.69
C ASN A 8 2.80 23.80 -0.48
N PRO A 9 3.32 23.80 0.76
CA PRO A 9 4.57 24.52 1.04
C PRO A 9 5.81 23.87 0.43
N LYS A 10 5.70 22.66 -0.10
CA LYS A 10 6.81 21.91 -0.70
C LYS A 10 8.03 21.88 0.23
N SER A 11 7.82 21.27 1.41
CA SER A 11 8.79 21.32 2.49
C SER A 11 9.59 20.03 2.66
N ASP A 12 9.56 19.12 1.68
CA ASP A 12 10.32 17.87 1.79
C ASP A 12 11.77 18.15 2.21
N LYS A 13 12.26 17.40 3.20
CA LYS A 13 13.61 17.67 3.67
C LYS A 13 14.68 16.99 2.83
N PHE A 14 14.27 16.19 1.85
CA PHE A 14 15.16 15.55 0.90
C PHE A 14 14.34 15.21 -0.34
N LYS A 15 15.01 14.96 -1.46
CA LYS A 15 14.33 14.78 -2.74
C LYS A 15 13.69 13.39 -2.80
N VAL A 16 12.37 13.36 -2.95
CA VAL A 16 11.58 12.13 -3.01
C VAL A 16 11.04 11.98 -4.43
N LYS A 17 11.13 10.77 -4.97
CA LYS A 17 10.62 10.52 -6.32
C LYS A 17 9.23 9.89 -6.25
N ARG A 18 9.13 8.56 -6.32
CA ARG A 18 7.83 7.89 -6.30
C ARG A 18 7.88 6.71 -5.35
N PHE A 19 6.70 6.18 -5.04
CA PHE A 19 6.63 4.87 -4.42
C PHE A 19 7.44 3.89 -5.25
N HIS A 20 8.24 3.06 -4.59
CA HIS A 20 9.08 2.09 -5.27
C HIS A 20 8.56 0.66 -5.14
N HIS A 21 8.32 0.20 -3.91
CA HIS A 21 7.71 -1.12 -3.73
C HIS A 21 7.10 -1.20 -2.34
N ILE A 22 6.31 -2.26 -2.14
CA ILE A 22 5.71 -2.61 -0.86
C ILE A 22 6.19 -4.01 -0.54
N GLU A 23 6.72 -4.23 0.66
CA GLU A 23 7.19 -5.56 1.05
C GLU A 23 6.31 -6.15 2.15
N PHE A 24 5.71 -7.31 1.84
CA PHE A 24 4.98 -8.11 2.82
C PHE A 24 5.93 -9.09 3.50
N TRP A 25 5.80 -9.21 4.82
CA TRP A 25 6.49 -10.25 5.55
C TRP A 25 5.51 -11.39 5.81
N CYS A 26 5.93 -12.61 5.43
CA CYS A 26 5.07 -13.76 5.28
C CYS A 26 5.68 -14.91 6.05
N GLY A 27 4.90 -15.97 6.25
CA GLY A 27 5.52 -17.18 6.75
C GLY A 27 5.98 -18.09 5.62
N ASP A 28 5.23 -18.07 4.53
CA ASP A 28 5.60 -18.77 3.29
C ASP A 28 5.38 -17.78 2.15
N ALA A 29 6.47 -17.26 1.58
CA ALA A 29 6.31 -16.26 0.53
C ALA A 29 5.73 -16.85 -0.74
N THR A 30 6.03 -18.12 -1.03
CA THR A 30 5.56 -18.74 -2.28
C THR A 30 4.04 -18.72 -2.37
N ASN A 31 3.35 -19.21 -1.35
CA ASN A 31 1.91 -19.32 -1.45
C ASN A 31 1.22 -17.96 -1.46
N VAL A 32 1.71 -17.02 -0.65
CA VAL A 32 1.15 -15.67 -0.71
C VAL A 32 1.38 -15.05 -2.09
N ALA A 33 2.61 -15.14 -2.60
CA ALA A 33 2.89 -14.51 -3.89
C ALA A 33 2.02 -15.12 -5.00
N ARG A 34 1.86 -16.44 -4.99
CA ARG A 34 1.09 -17.06 -6.08
C ARG A 34 -0.38 -16.68 -6.00
N ARG A 35 -0.93 -16.63 -4.79
CA ARG A 35 -2.30 -16.17 -4.60
C ARG A 35 -2.47 -14.74 -5.08
N PHE A 36 -1.58 -13.84 -4.65
CA PHE A 36 -1.67 -12.45 -5.06
C PHE A 36 -1.52 -12.29 -6.57
N SER A 37 -0.60 -13.03 -7.18
CA SER A 37 -0.38 -12.92 -8.63
C SER A 37 -1.66 -13.20 -9.40
N TRP A 38 -2.35 -14.28 -9.04
CA TRP A 38 -3.58 -14.67 -9.72
C TRP A 38 -4.72 -13.73 -9.38
N GLY A 39 -4.82 -13.32 -8.11
CA GLY A 39 -5.93 -12.48 -7.69
C GLY A 39 -5.86 -11.07 -8.25
N LEU A 40 -4.66 -10.53 -8.45
CA LEU A 40 -4.47 -9.14 -8.83
C LEU A 40 -3.93 -8.98 -10.24
N GLY A 41 -3.57 -10.06 -10.91
CA GLY A 41 -3.04 -9.97 -12.26
C GLY A 41 -1.67 -9.33 -12.30
N MET A 42 -0.78 -9.83 -11.46
CA MET A 42 0.58 -9.33 -11.39
C MET A 42 1.53 -10.45 -11.78
N ARG A 43 2.54 -10.10 -12.55
CA ARG A 43 3.47 -11.08 -13.10
C ARG A 43 4.63 -11.31 -12.14
N PHE A 44 5.11 -12.56 -12.06
CA PHE A 44 6.34 -12.84 -11.32
C PHE A 44 7.52 -12.26 -12.09
N SER A 45 8.24 -11.30 -11.50
CA SER A 45 9.28 -10.60 -12.23
C SER A 45 10.70 -10.87 -11.73
N ALA A 46 10.93 -11.00 -10.43
CA ALA A 46 12.28 -11.29 -9.94
C ALA A 46 12.19 -12.15 -8.70
N LYS A 47 13.31 -12.80 -8.35
CA LYS A 47 13.38 -13.62 -7.16
C LYS A 47 14.76 -13.56 -6.54
N SER A 48 14.80 -13.78 -5.23
CA SER A 48 16.02 -13.98 -4.47
C SER A 48 15.70 -15.07 -3.46
N ASP A 49 16.37 -16.20 -3.56
CA ASP A 49 15.99 -17.37 -2.76
C ASP A 49 17.12 -18.39 -2.88
N LEU A 50 16.86 -19.61 -2.43
CA LEU A 50 17.90 -20.64 -2.45
C LEU A 50 18.49 -20.80 -3.85
N SER A 51 17.65 -20.73 -4.88
CA SER A 51 18.11 -20.90 -6.25
C SER A 51 19.01 -19.76 -6.72
N THR A 52 19.05 -18.64 -6.00
CA THR A 52 19.96 -17.55 -6.34
C THR A 52 21.07 -17.39 -5.32
N GLY A 53 21.25 -18.37 -4.41
CA GLY A 53 22.30 -18.33 -3.44
C GLY A 53 21.93 -17.68 -2.13
N ASN A 54 20.69 -17.26 -1.96
CA ASN A 54 20.24 -16.60 -0.74
C ASN A 54 19.81 -17.67 0.26
N MET A 55 20.63 -17.90 1.29
CA MET A 55 20.38 -18.89 2.33
C MET A 55 19.65 -18.31 3.53
N VAL A 56 19.21 -17.07 3.43
CA VAL A 56 18.65 -16.33 4.55
C VAL A 56 17.14 -16.17 4.43
N HIS A 57 16.69 -15.66 3.29
CA HIS A 57 15.28 -15.38 3.10
C HIS A 57 14.88 -15.71 1.66
N ALA A 58 13.61 -16.07 1.49
CA ALA A 58 12.99 -16.27 0.19
C ALA A 58 12.19 -15.00 -0.13
N SER A 59 12.46 -14.38 -1.28
CA SER A 59 11.81 -13.12 -1.65
C SER A 59 11.37 -13.17 -3.10
N TYR A 60 10.08 -12.90 -3.34
CA TYR A 60 9.51 -12.95 -4.67
C TYR A 60 8.82 -11.62 -5.00
N LEU A 61 9.12 -11.10 -6.18
CA LEU A 61 8.62 -9.80 -6.62
C LEU A 61 7.54 -9.97 -7.67
N LEU A 62 6.39 -9.35 -7.44
CA LEU A 62 5.31 -9.27 -8.43
C LEU A 62 5.23 -7.85 -8.96
N THR A 63 4.95 -7.70 -10.25
CA THR A 63 4.86 -6.37 -10.83
C THR A 63 3.61 -6.25 -11.70
N SER A 64 2.98 -5.09 -11.67
CA SER A 64 1.91 -4.77 -12.62
C SER A 64 2.05 -3.28 -12.94
N GLY A 65 2.45 -2.99 -14.17
CA GLY A 65 2.83 -1.61 -14.48
C GLY A 65 4.01 -1.19 -13.63
N ASP A 66 3.84 -0.10 -12.90
CA ASP A 66 4.86 0.40 -11.98
C ASP A 66 4.68 -0.13 -10.57
N LEU A 67 3.64 -0.91 -10.32
CA LEU A 67 3.41 -1.44 -8.97
C LEU A 67 4.35 -2.61 -8.73
N ARG A 68 5.01 -2.60 -7.57
CA ARG A 68 5.91 -3.70 -7.19
C ARG A 68 5.50 -4.20 -5.82
N PHE A 69 5.08 -5.47 -5.74
CA PHE A 69 4.80 -6.16 -4.47
C PHE A 69 5.90 -7.20 -4.24
N LEU A 70 6.56 -7.11 -3.08
CA LEU A 70 7.60 -8.04 -2.67
C LEU A 70 7.09 -8.88 -1.51
N PHE A 71 7.28 -10.20 -1.59
CA PHE A 71 6.85 -11.16 -0.56
C PHE A 71 8.08 -11.86 -0.03
N THR A 72 8.33 -11.73 1.27
CA THR A 72 9.53 -12.29 1.87
C THR A 72 9.18 -13.14 3.08
N ALA A 73 9.88 -14.27 3.22
CA ALA A 73 9.75 -15.15 4.37
C ALA A 73 11.12 -15.67 4.76
N PRO A 74 11.32 -16.01 6.03
CA PRO A 74 12.63 -16.51 6.48
C PRO A 74 12.79 -18.00 6.22
N TYR A 75 14.02 -18.41 5.87
CA TYR A 75 14.39 -19.82 5.91
C TYR A 75 14.80 -20.21 7.34
N SER A 76 15.07 -21.50 7.54
CA SER A 76 15.66 -21.92 8.82
C SER A 76 16.94 -21.13 9.07
N PRO A 77 17.11 -20.53 10.25
CA PRO A 77 18.38 -19.87 10.56
C PRO A 77 19.58 -20.79 10.41
N SER A 78 19.38 -22.11 10.52
CA SER A 78 20.49 -23.05 10.45
C SER A 78 21.19 -23.00 9.10
N LEU A 79 20.47 -22.66 8.02
CA LEU A 79 21.08 -22.61 6.70
C LEU A 79 22.17 -21.55 6.62
N SER A 80 22.08 -20.51 7.42
CA SER A 80 22.99 -19.38 7.36
C SER A 80 23.72 -19.15 8.68
N ALA A 81 23.72 -20.15 9.56
CA ALA A 81 24.28 -19.96 10.90
C ALA A 81 25.78 -19.67 10.87
N GLY A 82 26.48 -20.06 9.80
CA GLY A 82 27.89 -19.75 9.69
C GLY A 82 28.19 -18.36 9.20
N GLU A 83 27.20 -17.67 8.66
CA GLU A 83 27.38 -16.34 8.09
C GLU A 83 27.46 -15.27 9.17
N ILE A 84 28.12 -14.16 8.82
CA ILE A 84 28.06 -12.93 9.59
C ILE A 84 27.66 -11.85 8.61
N LYS A 85 27.23 -10.70 9.14
CA LYS A 85 26.76 -9.63 8.26
C LYS A 85 27.73 -9.32 7.13
N PRO A 86 29.05 -9.23 7.35
CA PRO A 86 29.97 -9.05 6.21
C PRO A 86 29.91 -10.15 5.17
N THR A 87 29.51 -11.37 5.57
CA THR A 87 29.48 -12.51 4.66
C THR A 87 28.06 -12.97 4.35
N THR A 88 27.06 -12.11 4.52
CA THR A 88 25.68 -12.54 4.37
C THR A 88 25.35 -12.88 2.92
N THR A 89 24.48 -13.86 2.74
CA THR A 89 23.90 -14.15 1.43
C THR A 89 22.52 -13.53 1.26
N ALA A 90 22.00 -12.85 2.28
CA ALA A 90 20.76 -12.12 2.13
C ALA A 90 20.92 -11.03 1.07
N SER A 91 19.88 -10.86 0.27
CA SER A 91 19.86 -9.79 -0.71
C SER A 91 19.26 -8.51 -0.15
N ILE A 92 18.51 -8.60 0.93
CA ILE A 92 18.01 -7.42 1.63
C ILE A 92 18.71 -7.35 2.98
N PRO A 93 19.79 -6.57 3.10
CA PRO A 93 20.60 -6.63 4.32
C PRO A 93 19.86 -6.23 5.59
N SER A 94 18.75 -5.49 5.48
CA SER A 94 17.99 -5.18 6.69
C SER A 94 17.24 -6.39 7.24
N PHE A 95 17.14 -7.48 6.48
CA PHE A 95 16.36 -8.62 6.95
C PHE A 95 16.95 -9.24 8.20
N ASP A 96 16.08 -9.62 9.12
CA ASP A 96 16.47 -10.32 10.35
C ASP A 96 15.46 -11.42 10.62
N HIS A 97 15.95 -12.66 10.80
CA HIS A 97 15.05 -13.79 11.06
C HIS A 97 14.14 -13.50 12.24
N GLY A 98 14.74 -13.09 13.36
CA GLY A 98 13.96 -12.84 14.56
C GLY A 98 12.92 -11.75 14.36
N SER A 99 13.31 -10.64 13.71
CA SER A 99 12.36 -9.56 13.46
C SER A 99 11.21 -10.05 12.59
N CYS A 100 11.53 -10.82 11.54
CA CYS A 100 10.49 -11.31 10.65
C CYS A 100 9.55 -12.26 11.37
N ARG A 101 10.10 -13.21 12.13
CA ARG A 101 9.22 -14.15 12.80
C ARG A 101 8.36 -13.45 13.85
N SER A 102 8.94 -12.48 14.55
CA SER A 102 8.20 -11.71 15.54
C SER A 102 7.08 -10.90 14.88
N PHE A 103 7.38 -10.30 13.74
CA PHE A 103 6.39 -9.50 13.03
C PHE A 103 5.19 -10.37 12.64
N PHE A 104 5.45 -11.55 12.05
CA PHE A 104 4.34 -12.32 11.51
C PHE A 104 3.56 -13.02 12.62
N SER A 105 4.24 -13.45 13.69
CA SER A 105 3.48 -14.03 14.80
C SER A 105 2.66 -12.95 15.51
N SER A 106 3.14 -11.71 15.54
CA SER A 106 2.39 -10.65 16.21
C SER A 106 1.24 -10.13 15.35
N HIS A 107 1.52 -9.85 14.07
CA HIS A 107 0.58 -9.17 13.21
C HIS A 107 -0.10 -10.08 12.19
N GLY A 108 0.42 -11.29 11.97
CA GLY A 108 -0.01 -12.06 10.81
C GLY A 108 0.50 -11.40 9.55
N LEU A 109 -0.06 -11.84 8.42
CA LEU A 109 0.38 -11.34 7.12
C LEU A 109 0.15 -9.84 6.99
N GLY A 110 1.20 -9.10 6.61
CA GLY A 110 1.03 -7.67 6.44
C GLY A 110 2.27 -7.00 5.86
N VAL A 111 2.16 -5.68 5.70
CA VAL A 111 3.23 -4.90 5.09
C VAL A 111 4.29 -4.60 6.14
N ARG A 112 5.53 -4.96 5.84
CA ARG A 112 6.65 -4.57 6.67
C ARG A 112 7.26 -3.25 6.22
N ALA A 113 7.40 -3.05 4.90
CA ALA A 113 8.10 -1.88 4.38
C ALA A 113 7.26 -1.17 3.33
N VAL A 114 7.11 0.13 3.50
CA VAL A 114 6.66 1.03 2.44
C VAL A 114 7.91 1.67 1.88
N ALA A 115 8.26 1.35 0.64
CA ALA A 115 9.52 1.79 0.07
C ALA A 115 9.29 2.91 -0.93
N ILE A 116 10.02 4.02 -0.76
CA ILE A 116 9.97 5.13 -1.71
C ILE A 116 11.36 5.34 -2.29
N GLU A 117 11.40 5.69 -3.58
CA GLU A 117 12.67 5.96 -4.22
C GLU A 117 13.05 7.42 -3.98
N VAL A 118 14.31 7.64 -3.61
CA VAL A 118 14.79 8.97 -3.32
C VAL A 118 16.08 9.22 -4.12
N GLU A 119 16.52 10.48 -4.10
CA GLU A 119 17.74 10.83 -4.81
C GLU A 119 18.95 10.19 -4.13
N ASP A 120 18.96 10.19 -2.81
CA ASP A 120 20.15 9.81 -2.05
C ASP A 120 19.65 9.20 -0.74
N ALA A 121 19.66 7.86 -0.66
CA ALA A 121 19.12 7.17 0.50
C ALA A 121 19.97 7.40 1.74
N GLU A 122 21.28 7.56 1.57
CA GLU A 122 22.10 7.87 2.74
C GLU A 122 21.75 9.25 3.31
N SER A 123 21.60 10.24 2.43
CA SER A 123 21.18 11.56 2.87
C SER A 123 19.78 11.53 3.47
N ALA A 124 18.83 10.87 2.80
CA ALA A 124 17.48 10.77 3.33
C ALA A 124 17.48 10.17 4.73
N PHE A 125 18.25 9.11 4.95
CA PHE A 125 18.36 8.51 6.27
C PHE A 125 18.93 9.50 7.29
N SER A 126 20.03 10.15 6.93
CA SER A 126 20.70 11.04 7.88
C SER A 126 19.82 12.22 8.27
N ILE A 127 19.23 12.88 7.27
CA ILE A 127 18.33 14.01 7.51
C ILE A 127 17.12 13.55 8.31
N SER A 128 16.56 12.38 7.97
CA SER A 128 15.39 11.90 8.70
C SER A 128 15.71 11.72 10.17
N VAL A 129 16.82 11.03 10.47
CA VAL A 129 17.16 10.75 11.86
C VAL A 129 17.53 12.04 12.58
N ALA A 130 18.19 12.97 11.88
CA ALA A 130 18.49 14.25 12.49
C ALA A 130 17.22 15.01 12.83
N ASN A 131 16.10 14.66 12.20
CA ASN A 131 14.84 15.34 12.44
C ASN A 131 13.82 14.44 13.16
N GLY A 132 14.32 13.47 13.93
CA GLY A 132 13.48 12.74 14.86
C GLY A 132 13.11 11.33 14.43
N ALA A 133 13.45 10.92 13.21
CA ALA A 133 13.13 9.58 12.76
C ALA A 133 13.87 8.55 13.59
N ILE A 134 13.18 7.46 13.92
CA ILE A 134 13.78 6.36 14.69
C ILE A 134 14.45 5.42 13.70
N PRO A 135 15.77 5.27 13.74
CA PRO A 135 16.45 4.43 12.75
C PRO A 135 16.05 2.97 12.90
N SER A 136 15.93 2.30 11.76
CA SER A 136 15.64 0.87 11.74
C SER A 136 16.77 0.07 11.12
N SER A 137 17.30 0.51 9.99
CA SER A 137 18.43 -0.14 9.39
C SER A 137 19.26 0.94 8.71
N PRO A 138 20.56 1.02 8.99
CA PRO A 138 21.38 2.11 8.47
C PRO A 138 21.57 1.96 6.98
N PRO A 139 22.00 3.02 6.29
CA PRO A 139 22.21 2.92 4.84
C PRO A 139 23.28 1.88 4.52
N ILE A 140 23.00 1.08 3.50
CA ILE A 140 23.91 0.05 3.04
C ILE A 140 23.94 0.10 1.53
N VAL A 141 25.14 0.14 0.95
CA VAL A 141 25.29 0.18 -0.50
C VAL A 141 25.40 -1.24 -1.03
N LEU A 142 24.57 -1.57 -2.00
CA LEU A 142 24.51 -2.91 -2.58
C LEU A 142 25.18 -2.93 -3.94
N ASN A 143 26.25 -3.72 -4.04
CA ASN A 143 27.02 -3.89 -5.29
C ASN A 143 27.38 -2.53 -5.91
N GLU A 144 27.69 -1.57 -5.05
CA GLU A 144 28.06 -0.21 -5.47
C GLU A 144 27.01 0.45 -6.36
N ALA A 145 25.79 -0.06 -6.37
CA ALA A 145 24.79 0.38 -7.33
C ALA A 145 23.52 0.95 -6.71
N VAL A 146 23.09 0.40 -5.57
CA VAL A 146 21.83 0.76 -4.94
C VAL A 146 22.09 0.95 -3.45
N THR A 147 21.40 1.92 -2.85
CA THR A 147 21.52 2.18 -1.42
C THR A 147 20.14 2.06 -0.79
N ILE A 148 20.07 1.33 0.33
CA ILE A 148 18.81 1.09 1.03
C ILE A 148 18.99 1.46 2.50
N ALA A 149 17.99 2.11 3.06
CA ALA A 149 17.99 2.50 4.46
C ALA A 149 16.55 2.50 4.94
N GLU A 150 16.36 2.33 6.25
CA GLU A 150 15.03 2.16 6.80
C GLU A 150 14.89 2.94 8.09
N VAL A 151 13.75 3.61 8.26
CA VAL A 151 13.37 4.23 9.52
C VAL A 151 11.98 3.76 9.89
N LYS A 152 11.67 3.84 11.19
CA LYS A 152 10.35 3.45 11.63
C LYS A 152 9.30 4.42 11.14
N LEU A 153 8.17 3.89 10.70
CA LEU A 153 7.05 4.71 10.22
C LEU A 153 5.91 4.72 11.24
N TYR A 154 5.33 3.56 11.53
CA TYR A 154 4.37 3.38 12.62
C TYR A 154 4.28 1.89 12.90
N GLY A 155 3.94 1.55 14.16
CA GLY A 155 3.97 0.16 14.55
C GLY A 155 5.30 -0.48 14.20
N ASP A 156 5.23 -1.65 13.55
CA ASP A 156 6.42 -2.34 13.07
C ASP A 156 6.61 -2.18 11.56
N VAL A 157 5.99 -1.15 10.99
CA VAL A 157 6.14 -0.80 9.59
C VAL A 157 7.30 0.18 9.46
N VAL A 158 8.15 -0.02 8.46
CA VAL A 158 9.26 0.91 8.23
C VAL A 158 9.01 1.66 6.93
N LEU A 159 9.53 2.89 6.88
CA LEU A 159 9.68 3.61 5.63
C LEU A 159 11.07 3.30 5.08
N ARG A 160 11.11 2.74 3.87
CA ARG A 160 12.36 2.29 3.29
C ARG A 160 12.75 3.28 2.19
N TYR A 161 13.96 3.82 2.29
CA TYR A 161 14.51 4.65 1.25
C TYR A 161 15.37 3.82 0.31
N VAL A 162 15.19 4.00 -1.00
CA VAL A 162 15.96 3.33 -2.03
C VAL A 162 16.43 4.40 -3.01
N SER A 163 17.74 4.40 -3.32
CA SER A 163 18.31 5.29 -4.32
C SER A 163 19.24 4.49 -5.23
N TYR A 164 19.26 4.86 -6.50
CA TYR A 164 20.07 4.18 -7.52
C TYR A 164 21.09 5.14 -8.10
N LYS A 165 22.36 4.74 -8.13
CA LYS A 165 23.36 5.55 -8.82
C LYS A 165 23.06 5.60 -10.31
N ALA A 166 22.71 4.46 -10.90
CA ALA A 166 22.28 4.41 -12.29
C ALA A 166 20.78 4.65 -12.40
N PHE A 174 15.71 -5.09 -10.13
CA PHE A 174 15.09 -4.67 -8.87
C PHE A 174 16.14 -4.24 -7.87
N LEU A 175 16.79 -5.23 -7.26
CA LEU A 175 17.92 -5.02 -6.36
C LEU A 175 19.03 -5.98 -6.75
N PRO A 176 20.29 -5.64 -6.46
CA PRO A 176 21.37 -6.60 -6.70
C PRO A 176 21.10 -7.91 -5.98
N GLY A 177 21.49 -9.00 -6.63
CA GLY A 177 21.26 -10.32 -6.08
C GLY A 177 19.90 -10.92 -6.43
N PHE A 178 18.96 -10.10 -6.88
CA PHE A 178 17.72 -10.62 -7.44
C PHE A 178 17.95 -11.01 -8.90
N GLU A 179 17.35 -12.12 -9.31
CA GLU A 179 17.42 -12.55 -10.69
C GLU A 179 16.04 -12.48 -11.33
N ARG A 180 16.02 -12.17 -12.63
CA ARG A 180 14.77 -12.14 -13.38
C ARG A 180 14.17 -13.53 -13.49
N VAL A 181 12.86 -13.59 -13.56
CA VAL A 181 12.14 -14.86 -13.52
C VAL A 181 12.03 -15.42 -14.93
N GLU A 182 12.26 -16.73 -15.08
CA GLU A 182 12.23 -17.39 -16.38
C GLU A 182 10.89 -17.19 -17.08
N ASP A 183 10.95 -16.98 -18.39
CA ASP A 183 9.75 -16.69 -19.17
C ASP A 183 8.67 -17.74 -18.98
N ALA A 184 9.07 -19.02 -18.96
CA ALA A 184 8.11 -20.09 -18.72
C ALA A 184 7.48 -19.97 -17.32
N SER A 185 8.28 -19.53 -16.34
CA SER A 185 7.79 -19.29 -14.99
C SER A 185 7.09 -17.95 -14.85
N SER A 186 7.17 -17.08 -15.87
CA SER A 186 6.63 -15.72 -15.79
C SER A 186 5.54 -15.54 -16.84
N PHE A 187 4.27 -15.76 -16.42
CA PHE A 187 3.04 -15.62 -17.22
C PHE A 187 2.56 -14.18 -17.20
N PRO A 188 2.27 -13.57 -18.37
CA PRO A 188 2.09 -12.10 -18.42
C PRO A 188 0.67 -11.65 -18.05
N LEU A 189 0.26 -11.95 -16.83
CA LEU A 189 -1.04 -11.51 -16.33
C LEU A 189 -1.09 -9.99 -16.25
N ASP A 190 -2.27 -9.45 -16.51
CA ASP A 190 -2.45 -8.00 -16.38
C ASP A 190 -3.94 -7.66 -16.35
N TYR A 191 -4.44 -7.15 -15.23
CA TYR A 191 -5.83 -6.75 -15.12
C TYR A 191 -5.99 -5.23 -15.13
N GLY A 192 -4.93 -4.49 -15.44
CA GLY A 192 -5.00 -3.06 -15.56
C GLY A 192 -4.43 -2.27 -14.40
N ILE A 193 -3.89 -2.91 -13.39
CA ILE A 193 -3.30 -2.15 -12.29
C ILE A 193 -1.95 -1.60 -12.72
N ARG A 194 -1.66 -0.36 -12.31
CA ARG A 194 -0.53 0.36 -12.87
C ARG A 194 0.42 0.98 -11.84
N ARG A 195 -0.07 1.39 -10.67
CA ARG A 195 0.84 1.99 -9.69
C ARG A 195 0.19 2.06 -8.32
N LEU A 196 1.01 2.26 -7.29
CA LEU A 196 0.51 2.49 -5.94
C LEU A 196 0.07 3.94 -5.80
N ASP A 197 -1.19 4.17 -5.44
CA ASP A 197 -1.66 5.55 -5.28
C ASP A 197 -1.41 6.08 -3.87
N HIS A 198 -1.74 5.30 -2.84
CA HIS A 198 -1.47 5.70 -1.48
C HIS A 198 -1.40 4.47 -0.59
N ALA A 199 -0.80 4.65 0.58
CA ALA A 199 -0.65 3.59 1.56
C ALA A 199 -1.03 4.16 2.92
N VAL A 200 -1.94 3.49 3.62
CA VAL A 200 -2.65 4.06 4.75
C VAL A 200 -2.28 3.31 6.03
N GLY A 201 -2.00 4.05 7.10
CA GLY A 201 -1.70 3.44 8.39
C GLY A 201 -2.80 3.70 9.41
N ASN A 202 -3.03 2.72 10.28
CA ASN A 202 -3.92 2.87 11.43
C ASN A 202 -3.05 2.99 12.68
N VAL A 203 -3.34 3.99 13.51
CA VAL A 203 -2.60 4.20 14.75
C VAL A 203 -3.58 4.49 15.88
N PRO A 204 -3.15 4.31 17.13
CA PRO A 204 -4.03 4.67 18.26
C PRO A 204 -4.25 6.17 18.38
N GLU A 205 -3.25 7.00 18.08
CA GLU A 205 -3.34 8.45 18.24
C GLU A 205 -2.79 9.14 17.00
N LEU A 206 -3.65 9.89 16.32
CA LEU A 206 -3.28 10.50 15.04
C LEU A 206 -2.28 11.63 15.23
N GLY A 207 -2.50 12.49 16.22
CA GLY A 207 -1.65 13.65 16.45
C GLY A 207 -0.17 13.31 16.50
N PRO A 208 0.23 12.50 17.49
CA PRO A 208 1.66 12.14 17.61
C PRO A 208 2.21 11.40 16.41
N ALA A 209 1.39 10.57 15.75
CA ALA A 209 1.85 9.89 14.54
C ALA A 209 2.13 10.89 13.42
N LEU A 210 1.26 11.89 13.25
CA LEU A 210 1.49 12.90 12.22
C LEU A 210 2.72 13.74 12.56
N THR A 211 2.80 14.23 13.78
CA THR A 211 3.92 15.06 14.19
C THR A 211 5.25 14.35 13.92
N TYR A 212 5.30 13.05 14.24
CA TYR A 212 6.51 12.28 14.01
C TYR A 212 6.87 12.23 12.53
N VAL A 213 5.94 11.74 11.69
CA VAL A 213 6.29 11.49 10.30
C VAL A 213 6.52 12.80 9.55
N ALA A 214 5.61 13.76 9.68
CA ALA A 214 5.85 15.06 9.06
C ALA A 214 7.14 15.68 9.58
N GLY A 215 7.50 15.37 10.84
CA GLY A 215 8.68 15.95 11.45
C GLY A 215 9.98 15.55 10.75
N PHE A 216 10.12 14.27 10.39
CA PHE A 216 11.37 13.82 9.80
C PHE A 216 11.38 13.80 8.28
N THR A 217 10.20 13.85 7.62
CA THR A 217 10.18 13.91 6.16
C THR A 217 10.03 15.31 5.63
N GLY A 218 9.36 16.20 6.36
CA GLY A 218 8.92 17.44 5.76
C GLY A 218 7.68 17.31 4.92
N PHE A 219 7.07 16.12 4.88
CA PHE A 219 5.82 15.98 4.16
C PHE A 219 4.76 16.91 4.75
N HIS A 220 3.90 17.42 3.89
CA HIS A 220 2.89 18.40 4.27
C HIS A 220 1.50 17.77 4.28
N GLN A 221 0.58 18.42 4.99
CA GLN A 221 -0.78 17.93 5.07
C GLN A 221 -1.52 18.20 3.77
N PHE A 222 -2.04 17.14 3.16
CA PHE A 222 -2.78 17.25 1.91
C PHE A 222 -4.19 17.77 2.19
N ALA A 223 -4.61 18.78 1.43
CA ALA A 223 -5.88 19.44 1.68
C ALA A 223 -7.07 18.50 1.44
N GLU A 224 -7.99 18.47 2.40
CA GLU A 224 -9.19 17.63 2.32
C GLU A 224 -10.38 18.44 1.81
N PHE A 225 -11.39 17.71 1.33
CA PHE A 225 -12.53 18.21 0.53
C PHE A 225 -12.43 19.65 0.04
N GLU A 234 -19.27 10.78 11.83
CA GLU A 234 -19.55 9.58 12.62
C GLU A 234 -19.13 8.30 11.88
N SER A 235 -18.09 8.42 11.06
CA SER A 235 -17.55 7.30 10.30
C SER A 235 -16.55 6.46 11.10
N GLY A 236 -16.37 6.77 12.38
CA GLY A 236 -15.52 5.97 13.25
C GLY A 236 -14.04 6.30 13.21
N LEU A 237 -13.62 7.29 12.44
CA LEU A 237 -12.21 7.63 12.34
C LEU A 237 -12.01 9.13 12.19
N ASN A 238 -10.83 9.56 12.58
CA ASN A 238 -10.24 10.82 12.14
C ASN A 238 -9.00 10.49 11.33
N SER A 239 -8.73 11.27 10.29
CA SER A 239 -7.60 10.96 9.44
C SER A 239 -6.98 12.25 8.91
N ALA A 240 -5.72 12.14 8.51
CA ALA A 240 -5.04 13.20 7.77
C ALA A 240 -4.06 12.54 6.81
N VAL A 241 -3.68 13.28 5.77
CA VAL A 241 -2.83 12.75 4.70
C VAL A 241 -1.55 13.57 4.63
N LEU A 242 -0.41 12.89 4.75
CA LEU A 242 0.89 13.49 4.51
C LEU A 242 1.32 13.25 3.06
N ALA A 243 1.92 14.26 2.45
CA ALA A 243 2.25 14.21 1.02
C ALA A 243 3.62 14.81 0.75
N SER A 244 4.30 14.26 -0.25
CA SER A 244 5.56 14.80 -0.74
C SER A 244 5.32 16.03 -1.63
N ASN A 245 6.42 16.65 -2.06
CA ASN A 245 6.37 17.95 -2.74
C ASN A 245 5.41 17.96 -3.93
N ASP A 246 5.47 16.93 -4.77
CA ASP A 246 4.56 16.85 -5.91
C ASP A 246 3.32 16.03 -5.60
N GLU A 247 3.15 15.61 -4.35
CA GLU A 247 1.95 14.95 -3.86
C GLU A 247 1.70 13.64 -4.60
N MET A 248 2.77 12.97 -5.01
CA MET A 248 2.70 11.63 -5.57
C MET A 248 3.00 10.54 -4.55
N VAL A 249 3.72 10.85 -3.47
CA VAL A 249 3.80 9.97 -2.32
C VAL A 249 2.74 10.45 -1.32
N LEU A 250 1.74 9.60 -1.08
CA LEU A 250 0.58 9.95 -0.27
C LEU A 250 0.46 8.93 0.84
N LEU A 251 0.49 9.41 2.09
CA LEU A 251 0.50 8.55 3.27
C LEU A 251 -0.60 9.01 4.23
N PRO A 252 -1.84 8.58 4.00
CA PRO A 252 -2.90 8.85 4.99
C PRO A 252 -2.68 8.04 6.27
N ILE A 253 -3.15 8.62 7.37
CA ILE A 253 -3.10 7.98 8.69
C ILE A 253 -4.44 8.15 9.38
N ASN A 254 -4.96 7.08 9.98
CA ASN A 254 -6.23 7.06 10.69
C ASN A 254 -6.02 6.80 12.17
N GLU A 255 -6.91 7.38 12.98
CA GLU A 255 -7.09 7.02 14.38
C GLU A 255 -8.55 6.65 14.62
N PRO A 256 -8.84 5.83 15.62
CA PRO A 256 -10.23 5.48 15.91
C PRO A 256 -10.96 6.61 16.63
N VAL A 257 -12.28 6.62 16.48
CA VAL A 257 -13.17 7.47 17.27
C VAL A 257 -14.04 6.56 18.11
N HIS A 258 -13.87 6.62 19.43
CA HIS A 258 -14.54 5.72 20.36
C HIS A 258 -15.90 6.29 20.78
N GLY A 259 -16.66 5.46 21.49
CA GLY A 259 -17.95 5.86 22.02
C GLY A 259 -19.11 5.70 21.07
N THR A 260 -18.86 5.43 19.79
CA THR A 260 -19.93 5.33 18.80
C THR A 260 -20.83 4.15 19.10
N LYS A 261 -22.04 4.19 18.54
CA LYS A 261 -22.91 3.02 18.52
C LYS A 261 -22.22 1.85 17.81
N ARG A 262 -21.86 2.05 16.55
CA ARG A 262 -21.11 1.05 15.79
C ARG A 262 -19.63 1.17 16.07
N LYS A 263 -18.98 0.06 16.40
CA LYS A 263 -17.58 0.09 16.80
C LYS A 263 -16.69 0.48 15.63
N SER A 264 -15.68 1.30 15.93
CA SER A 264 -14.77 1.79 14.90
C SER A 264 -14.00 0.65 14.26
N GLN A 265 -13.97 0.61 12.93
CA GLN A 265 -13.16 -0.38 12.24
C GLN A 265 -11.68 -0.14 12.46
N ILE A 266 -11.28 1.08 12.81
CA ILE A 266 -9.88 1.32 13.15
C ILE A 266 -9.54 0.64 14.46
N GLN A 267 -10.46 0.64 15.43
CA GLN A 267 -10.22 -0.05 16.69
C GLN A 267 -10.19 -1.55 16.49
N THR A 268 -11.10 -2.09 15.68
CA THR A 268 -11.04 -3.51 15.34
C THR A 268 -9.69 -3.86 14.76
N TYR A 269 -9.21 -3.06 13.81
CA TYR A 269 -7.88 -3.26 13.23
C TYR A 269 -6.82 -3.36 14.32
N LEU A 270 -6.74 -2.33 15.18
CA LEU A 270 -5.68 -2.29 16.19
C LEU A 270 -5.72 -3.51 17.09
N GLU A 271 -6.93 -3.99 17.41
CA GLU A 271 -7.03 -5.14 18.30
C GLU A 271 -6.53 -6.40 17.61
N HIS A 272 -6.98 -6.66 16.39
CA HIS A 272 -6.61 -7.90 15.71
C HIS A 272 -5.18 -7.86 15.18
N ASN A 273 -4.65 -6.67 14.91
CA ASN A 273 -3.28 -6.51 14.42
C ASN A 273 -2.26 -6.47 15.54
N GLU A 274 -2.69 -6.43 16.79
CA GLU A 274 -1.81 -6.15 17.92
C GLU A 274 -1.12 -4.80 17.73
N GLY A 275 -1.93 -3.77 17.44
CA GLY A 275 -1.45 -2.41 17.42
C GLY A 275 -1.39 -1.81 16.02
N ALA A 276 -0.68 -0.69 15.94
CA ALA A 276 -0.60 0.10 14.72
C ALA A 276 0.03 -0.70 13.58
N GLY A 277 -0.35 -0.35 12.37
CA GLY A 277 0.19 -0.99 11.19
C GLY A 277 -0.49 -0.46 9.96
N LEU A 278 -0.13 -1.05 8.82
CA LEU A 278 -0.68 -0.60 7.55
C LEU A 278 -2.09 -1.16 7.37
N GLN A 279 -3.05 -0.27 7.12
CA GLN A 279 -4.45 -0.64 6.93
C GLN A 279 -4.77 -1.01 5.49
N HIS A 280 -4.50 -0.12 4.54
CA HIS A 280 -4.81 -0.53 3.17
C HIS A 280 -3.84 0.09 2.17
N LEU A 281 -3.72 -0.61 1.04
CA LEU A 281 -2.95 -0.18 -0.11
C LEU A 281 -3.94 0.17 -1.22
N ALA A 282 -3.78 1.34 -1.80
CA ALA A 282 -4.64 1.77 -2.91
C ALA A 282 -3.86 1.66 -4.20
N LEU A 283 -4.38 0.87 -5.14
CA LEU A 283 -3.72 0.57 -6.39
C LEU A 283 -4.47 1.27 -7.52
N MET A 284 -3.78 2.13 -8.24
CA MET A 284 -4.41 2.82 -9.37
C MET A 284 -4.55 1.89 -10.56
N SER A 285 -5.73 1.88 -11.17
CA SER A 285 -6.00 1.16 -12.39
C SER A 285 -6.17 2.16 -13.53
N GLU A 286 -5.64 1.81 -14.70
CA GLU A 286 -5.92 2.57 -15.91
C GLU A 286 -7.31 2.29 -16.47
N ASP A 287 -8.03 1.33 -15.89
CA ASP A 287 -9.37 0.99 -16.34
C ASP A 287 -10.05 0.19 -15.24
N ILE A 288 -10.63 0.86 -14.25
CA ILE A 288 -11.13 0.18 -13.07
C ILE A 288 -12.21 -0.82 -13.43
N PHE A 289 -12.92 -0.60 -14.55
CA PHE A 289 -13.96 -1.54 -14.92
C PHE A 289 -13.37 -2.87 -15.37
N ARG A 290 -12.33 -2.83 -16.21
CA ARG A 290 -11.65 -4.08 -16.58
C ARG A 290 -11.02 -4.74 -15.37
N THR A 291 -10.40 -3.96 -14.50
CA THR A 291 -9.77 -4.55 -13.31
C THR A 291 -10.80 -5.27 -12.45
N LEU A 292 -11.94 -4.62 -12.21
CA LEU A 292 -12.92 -5.24 -11.33
C LEU A 292 -13.62 -6.42 -12.00
N ARG A 293 -13.86 -6.37 -13.31
CA ARG A 293 -14.35 -7.58 -13.99
C ARG A 293 -13.39 -8.74 -13.80
N GLU A 294 -12.09 -8.49 -14.00
CA GLU A 294 -11.11 -9.58 -13.95
C GLU A 294 -10.91 -10.09 -12.52
N MET A 295 -10.82 -9.19 -11.54
CA MET A 295 -10.67 -9.65 -10.16
C MET A 295 -11.90 -10.40 -9.68
N ARG A 296 -13.10 -9.93 -10.03
CA ARG A 296 -14.33 -10.54 -9.52
C ARG A 296 -14.55 -11.92 -10.12
N LYS A 297 -14.09 -12.12 -11.37
CA LYS A 297 -14.11 -13.43 -12.00
C LYS A 297 -13.35 -14.46 -11.18
N ARG A 298 -12.30 -14.01 -10.48
CA ARG A 298 -11.41 -14.91 -9.78
C ARG A 298 -11.64 -14.95 -8.27
N SER A 299 -12.64 -14.22 -7.76
CA SER A 299 -12.85 -14.16 -6.32
C SER A 299 -13.01 -15.53 -5.69
N SER A 300 -13.78 -16.40 -6.34
CA SER A 300 -14.10 -17.71 -5.79
C SER A 300 -13.15 -18.80 -6.26
N ILE A 301 -12.17 -18.46 -7.09
CA ILE A 301 -11.19 -19.43 -7.56
C ILE A 301 -9.76 -18.97 -7.23
N GLY A 302 -9.57 -18.50 -6.01
CA GLY A 302 -8.24 -18.25 -5.47
C GLY A 302 -7.90 -16.77 -5.37
N GLY A 303 -8.75 -15.90 -5.90
CA GLY A 303 -8.44 -14.47 -5.88
C GLY A 303 -8.92 -13.75 -4.64
N PHE A 304 -9.38 -12.51 -4.81
CA PHE A 304 -9.78 -11.64 -3.71
C PHE A 304 -11.28 -11.38 -3.75
N ASP A 305 -11.89 -11.33 -2.57
CA ASP A 305 -13.29 -10.96 -2.42
C ASP A 305 -13.41 -9.45 -2.24
N PHE A 306 -14.61 -8.94 -2.54
CA PHE A 306 -14.86 -7.52 -2.36
C PHE A 306 -15.92 -7.31 -1.27
N MET A 307 -15.89 -6.11 -0.68
CA MET A 307 -16.83 -5.78 0.38
C MET A 307 -18.26 -5.84 -0.17
N PRO A 308 -19.27 -5.95 0.70
CA PRO A 308 -20.65 -6.03 0.20
C PRO A 308 -21.03 -4.78 -0.59
N SER A 309 -21.64 -4.98 -1.76
CA SER A 309 -21.96 -3.86 -2.63
C SER A 309 -22.99 -2.93 -1.98
N PRO A 310 -23.01 -1.66 -2.36
CA PRO A 310 -24.02 -0.75 -1.82
C PRO A 310 -25.38 -1.01 -2.42
N PRO A 311 -26.45 -0.56 -1.76
CA PRO A 311 -27.80 -0.80 -2.29
C PRO A 311 -28.07 0.03 -3.52
N PRO A 312 -29.10 -0.32 -4.31
CA PRO A 312 -29.38 0.45 -5.53
C PRO A 312 -29.62 1.93 -5.31
N THR A 313 -30.07 2.33 -4.11
CA THR A 313 -30.25 3.75 -3.84
C THR A 313 -28.94 4.52 -4.01
N TYR A 314 -27.81 3.88 -3.72
CA TYR A 314 -26.52 4.53 -3.93
C TYR A 314 -26.31 4.89 -5.40
N TYR A 315 -26.60 3.95 -6.29
CA TYR A 315 -26.39 4.24 -7.70
C TYR A 315 -27.52 5.10 -8.27
N GLN A 316 -28.71 5.03 -7.67
CA GLN A 316 -29.78 5.95 -8.05
C GLN A 316 -29.39 7.39 -7.71
N ASN A 317 -28.69 7.58 -6.59
CA ASN A 317 -28.24 8.90 -6.17
C ASN A 317 -27.02 9.38 -6.93
N LEU A 318 -26.43 8.56 -7.81
CA LEU A 318 -25.20 8.94 -8.47
C LEU A 318 -25.41 9.94 -9.60
N LYS A 319 -26.58 9.91 -10.26
CA LYS A 319 -26.82 10.87 -11.33
C LYS A 319 -26.74 12.30 -10.80
N LYS A 320 -27.34 12.57 -9.65
CA LYS A 320 -27.30 13.89 -9.05
C LYS A 320 -25.89 14.30 -8.62
N ARG A 321 -24.98 13.36 -8.43
CA ARG A 321 -23.66 13.68 -7.88
C ARG A 321 -22.56 13.72 -8.93
N VAL A 322 -22.63 12.88 -9.96
CA VAL A 322 -21.52 12.76 -10.91
C VAL A 322 -22.04 12.60 -12.33
N GLY A 323 -23.33 12.94 -12.55
CA GLY A 323 -23.92 12.83 -13.87
C GLY A 323 -23.22 13.65 -14.94
N ASP A 324 -22.43 14.64 -14.55
CA ASP A 324 -21.65 15.43 -15.48
C ASP A 324 -20.30 14.81 -15.83
N VAL A 325 -19.92 13.72 -15.17
CA VAL A 325 -18.65 13.06 -15.38
C VAL A 325 -18.83 11.67 -15.96
N LEU A 326 -19.85 10.95 -15.49
CA LEU A 326 -20.11 9.59 -15.93
C LEU A 326 -21.45 9.52 -16.66
N SER A 327 -21.47 8.77 -17.75
CA SER A 327 -22.71 8.50 -18.46
C SER A 327 -23.61 7.60 -17.63
N ASP A 328 -24.84 7.43 -18.09
CA ASP A 328 -25.69 6.39 -17.51
C ASP A 328 -25.09 5.01 -17.74
N ASP A 329 -24.51 4.81 -18.92
CA ASP A 329 -23.86 3.53 -19.23
C ASP A 329 -22.58 3.32 -18.44
N GLN A 330 -21.98 4.36 -17.89
CA GLN A 330 -20.88 4.20 -16.97
C GLN A 330 -21.33 4.08 -15.51
N ILE A 331 -22.54 4.55 -15.20
CA ILE A 331 -23.04 4.49 -13.83
C ILE A 331 -23.60 3.12 -13.49
N LYS A 332 -24.47 2.57 -14.35
CA LYS A 332 -24.99 1.23 -14.08
C LYS A 332 -23.87 0.19 -14.10
N GLU A 333 -22.83 0.42 -14.91
CA GLU A 333 -21.64 -0.41 -14.87
C GLU A 333 -20.93 -0.31 -13.52
N CYS A 334 -20.96 0.85 -12.87
CA CYS A 334 -20.53 0.92 -11.48
C CYS A 334 -21.42 0.06 -10.59
N GLU A 335 -22.74 0.12 -10.82
CA GLU A 335 -23.65 -0.69 -10.04
C GLU A 335 -23.36 -2.17 -10.21
N GLU A 336 -23.09 -2.60 -11.46
CA GLU A 336 -22.81 -4.00 -11.71
C GLU A 336 -21.63 -4.49 -10.87
N LEU A 337 -20.58 -3.66 -10.78
CA LEU A 337 -19.32 -4.05 -10.16
C LEU A 337 -19.16 -3.58 -8.72
N GLY A 338 -20.13 -2.84 -8.19
CA GLY A 338 -20.03 -2.39 -6.83
C GLY A 338 -19.07 -1.24 -6.61
N ILE A 339 -18.66 -0.57 -7.70
CA ILE A 339 -17.73 0.54 -7.60
C ILE A 339 -18.36 1.71 -6.86
N LEU A 340 -17.58 2.37 -6.02
CA LEU A 340 -18.00 3.59 -5.34
C LEU A 340 -17.45 4.81 -6.07
N VAL A 341 -18.09 5.96 -5.85
CA VAL A 341 -17.71 7.19 -6.52
C VAL A 341 -17.72 8.33 -5.51
N ASP A 342 -16.68 9.17 -5.55
CA ASP A 342 -16.66 10.39 -4.76
C ASP A 342 -16.03 11.50 -5.59
N ARG A 343 -16.12 12.71 -5.05
CA ARG A 343 -15.78 13.91 -5.81
C ARG A 343 -15.32 14.98 -4.84
N ASP A 344 -14.28 15.72 -5.22
CA ASP A 344 -13.92 16.93 -4.50
C ASP A 344 -14.02 18.12 -5.44
N ASP A 345 -13.33 19.21 -5.11
CA ASP A 345 -13.43 20.44 -5.90
C ASP A 345 -12.77 20.31 -7.27
N GLN A 346 -11.81 19.41 -7.41
CA GLN A 346 -11.00 19.33 -8.62
C GLN A 346 -11.23 18.09 -9.47
N GLY A 347 -11.55 16.94 -8.85
CA GLY A 347 -11.66 15.72 -9.62
C GLY A 347 -12.66 14.73 -9.05
N THR A 348 -12.77 13.59 -9.74
CA THR A 348 -13.69 12.53 -9.40
C THR A 348 -12.92 11.26 -9.12
N LEU A 349 -13.41 10.48 -8.16
CA LEU A 349 -12.75 9.29 -7.67
C LEU A 349 -13.67 8.08 -7.83
N LEU A 350 -13.19 7.05 -8.52
CA LEU A 350 -13.82 5.74 -8.55
C LEU A 350 -13.00 4.78 -7.67
N GLN A 351 -13.65 4.09 -6.74
CA GLN A 351 -12.93 3.26 -5.78
C GLN A 351 -13.76 2.04 -5.37
N ILE A 352 -13.06 0.99 -4.91
CA ILE A 352 -13.72 -0.17 -4.31
C ILE A 352 -12.70 -0.84 -3.40
N PHE A 353 -13.19 -1.59 -2.43
CA PHE A 353 -12.37 -2.17 -1.36
C PHE A 353 -12.51 -3.69 -1.34
N THR A 354 -11.38 -4.38 -1.19
CA THR A 354 -11.47 -5.83 -0.99
C THR A 354 -11.80 -6.14 0.46
N LYS A 355 -12.24 -7.38 0.67
CA LYS A 355 -12.24 -7.96 1.98
C LYS A 355 -10.78 -8.12 2.43
N PRO A 356 -10.54 -8.35 3.73
CA PRO A 356 -9.15 -8.48 4.19
C PRO A 356 -8.37 -9.50 3.38
N LEU A 357 -7.08 -9.22 3.19
CA LEU A 357 -6.23 -10.04 2.33
C LEU A 357 -5.88 -11.37 2.96
N GLY A 358 -5.99 -11.48 4.27
CA GLY A 358 -5.60 -12.71 4.95
C GLY A 358 -6.57 -13.10 6.04
N ASP A 359 -6.10 -13.93 7.00
CA ASP A 359 -6.97 -14.43 8.06
C ASP A 359 -7.56 -13.30 8.91
N ARG A 360 -6.78 -12.28 9.18
CA ARG A 360 -7.24 -11.33 10.19
C ARG A 360 -7.94 -10.14 9.55
N PRO A 361 -8.89 -9.51 10.26
CA PRO A 361 -9.57 -8.31 9.71
C PRO A 361 -8.70 -7.08 9.85
N THR A 362 -7.64 -7.04 9.05
CA THR A 362 -6.62 -6.01 9.19
C THR A 362 -6.37 -5.35 7.84
N ILE A 363 -5.40 -5.83 7.09
CA ILE A 363 -5.04 -5.17 5.83
C ILE A 363 -6.03 -5.56 4.73
N PHE A 364 -6.40 -4.60 3.90
CA PHE A 364 -7.17 -4.86 2.69
C PHE A 364 -6.59 -4.01 1.56
N ILE A 365 -7.14 -4.18 0.35
CA ILE A 365 -6.68 -3.44 -0.81
C ILE A 365 -7.83 -2.59 -1.34
N GLU A 366 -7.48 -1.42 -1.84
CA GLU A 366 -8.41 -0.53 -2.53
C GLU A 366 -7.98 -0.45 -3.99
N ILE A 367 -8.94 -0.55 -4.91
CA ILE A 367 -8.67 -0.28 -6.32
C ILE A 367 -9.27 1.08 -6.65
N ILE A 368 -8.52 1.88 -7.40
CA ILE A 368 -8.87 3.29 -7.56
C ILE A 368 -8.63 3.72 -9.02
N GLN A 369 -9.51 4.59 -9.52
CA GLN A 369 -9.21 5.35 -10.72
C GLN A 369 -9.63 6.80 -10.51
N ARG A 370 -8.76 7.71 -10.91
CA ARG A 370 -8.96 9.15 -10.74
C ARG A 370 -9.23 9.83 -12.07
N VAL A 371 -10.21 10.73 -12.08
CA VAL A 371 -10.66 11.41 -13.30
C VAL A 371 -10.51 12.91 -13.09
N GLY A 372 -9.65 13.54 -13.88
CA GLY A 372 -9.51 14.98 -13.84
C GLY A 372 -8.12 15.48 -13.51
N CYS A 373 -8.03 16.75 -13.11
CA CYS A 373 -6.77 17.38 -12.68
C CYS A 373 -5.64 17.14 -13.66
N MET A 374 -5.89 17.43 -14.93
CA MET A 374 -4.85 17.33 -15.96
C MET A 374 -4.10 18.65 -16.07
N MET A 375 -2.78 18.56 -16.16
CA MET A 375 -1.92 19.72 -16.40
C MET A 375 -1.11 19.49 -17.67
N TYR A 383 -0.10 15.10 -17.83
CA TYR A 383 -0.04 14.33 -16.59
C TYR A 383 -1.17 14.72 -15.64
N GLN A 384 -1.46 13.85 -14.67
CA GLN A 384 -2.51 14.05 -13.68
C GLN A 384 -1.89 14.41 -12.34
N SER A 385 -2.45 15.41 -11.67
CA SER A 385 -1.95 15.80 -10.35
C SER A 385 -2.33 14.76 -9.30
N GLY A 386 -1.53 14.68 -8.25
CA GLY A 386 -1.71 13.63 -7.27
C GLY A 386 -2.92 13.85 -6.38
N GLY A 387 -3.54 12.75 -5.97
CA GLY A 387 -4.69 12.84 -5.11
C GLY A 387 -5.92 13.46 -5.73
N CYS A 388 -5.94 13.60 -7.06
CA CYS A 388 -7.08 14.14 -7.79
C CYS A 388 -8.40 13.48 -7.39
N GLY A 389 -9.27 14.23 -6.72
CA GLY A 389 -10.53 13.72 -6.26
C GLY A 389 -10.56 13.34 -4.79
N GLY A 390 -9.41 13.33 -4.13
CA GLY A 390 -9.38 13.06 -2.71
C GLY A 390 -9.25 11.58 -2.41
N PHE A 391 -9.82 11.15 -1.29
CA PHE A 391 -9.68 9.77 -0.85
C PHE A 391 -11.02 9.11 -0.55
N GLY A 392 -12.13 9.78 -0.85
CA GLY A 392 -13.43 9.13 -0.83
C GLY A 392 -14.15 9.21 0.49
N LYS A 393 -13.75 10.11 1.38
CA LYS A 393 -14.35 10.17 2.70
C LYS A 393 -15.81 10.58 2.64
N GLY A 394 -16.25 11.20 1.54
CA GLY A 394 -17.67 11.44 1.36
C GLY A 394 -18.47 10.16 1.23
N ASN A 395 -17.84 9.09 0.76
CA ASN A 395 -18.54 7.82 0.59
C ASN A 395 -18.99 7.22 1.92
N PHE A 396 -18.44 7.69 3.05
CA PHE A 396 -18.91 7.22 4.34
C PHE A 396 -20.37 7.62 4.57
N SER A 397 -20.66 8.92 4.46
CA SER A 397 -22.03 9.39 4.64
C SER A 397 -22.94 8.91 3.51
N GLU A 398 -22.44 8.92 2.28
CA GLU A 398 -23.26 8.52 1.14
C GLU A 398 -23.68 7.06 1.25
N LEU A 399 -22.79 6.21 1.74
CA LEU A 399 -23.11 4.80 1.92
C LEU A 399 -24.19 4.62 2.98
N PHE A 400 -23.98 5.22 4.16
CA PHE A 400 -24.97 5.13 5.22
C PHE A 400 -26.31 5.69 4.77
N LYS A 401 -26.29 6.86 4.12
CA LYS A 401 -27.52 7.46 3.62
C LYS A 401 -28.25 6.51 2.68
N SER A 402 -27.54 5.98 1.69
CA SER A 402 -28.16 5.09 0.71
C SER A 402 -28.76 3.87 1.38
N ILE A 403 -28.06 3.31 2.36
CA ILE A 403 -28.56 2.14 3.08
C ILE A 403 -29.90 2.47 3.75
N GLU A 404 -29.92 3.55 4.54
CA GLU A 404 -31.13 3.90 5.29
C GLU A 404 -32.31 4.12 4.36
N GLU A 405 -32.14 4.98 3.34
CA GLU A 405 -33.25 5.30 2.45
C GLU A 405 -33.62 4.10 1.58
N TYR A 406 -32.69 3.16 1.35
CA TYR A 406 -33.03 1.96 0.60
C TYR A 406 -34.09 1.13 1.30
N GLU A 407 -34.16 1.23 2.62
CA GLU A 407 -35.13 0.45 3.41
C GLU A 407 -36.57 0.78 3.01
CO CO B . -7.93 4.90 0.36
C10 5RJ C . -14.39 2.39 3.45
C13 5RJ C . -11.30 2.71 3.36
C17 5RJ C . -10.07 6.37 4.52
C20 5RJ C . -7.69 7.88 3.62
C21 5RJ C . -8.26 6.68 2.86
C24 5RJ C . -16.72 1.22 5.44
C26 5RJ C . -16.47 0.39 7.68
C28 5RJ C . -17.81 2.34 7.26
C01 5RJ C . -11.83 4.95 2.45
C02 5RJ C . -12.67 5.95 2.02
C03 5RJ C . -14.03 5.78 2.07
C04 5RJ C . -14.56 4.59 2.55
C05 5RJ C . -13.75 3.55 2.99
C06 5RJ C . -12.35 3.75 2.93
C12 5RJ C . -16.38 1.11 3.95
C14 5RJ C . -10.33 5.19 2.34
C16 5RJ C . -9.53 5.99 3.36
C18 5RJ C . -9.33 7.36 5.41
C19 5RJ C . -8.75 8.47 4.53
C25 5RJ C . -16.19 0.29 6.33
C27 5RJ C . -17.28 1.41 8.15
C29 5RJ C . -17.52 2.25 5.91
C30 5RJ C . -15.30 -0.83 5.80
N07 5RJ C . -15.88 4.49 2.57
N08 5RJ C . -16.49 3.36 3.03
N09 5RJ C . -15.72 2.32 3.47
O11 5RJ C . -13.80 1.44 3.86
O15 5RJ C . -9.75 4.75 1.38
O22 5RJ C . -11.03 5.55 5.15
O23 5RJ C . -7.70 6.32 1.87
#